data_5EW8
#
_entry.id   5EW8
#
_cell.length_a   209.110
_cell.length_b   57.890
_cell.length_c   65.260
_cell.angle_alpha   90.00
_cell.angle_beta   107.51
_cell.angle_gamma   90.00
#
_symmetry.space_group_name_H-M   'C 1 2 1'
#
loop_
_entity.id
_entity.type
_entity.pdbx_description
1 polymer 'Fibroblast growth factor receptor 1'
2 non-polymer 'SULFATE ION'
3 non-polymer "~{N}'-(3,5-dimethoxyphenyl)-~{N}'-[3-(1-methylpyrazol-4-yl)quinoxalin-6-yl]-~{N}-propan-2-yl-ethane-1,2-diamine"
4 water water
#
_entity_poly.entity_id   1
_entity_poly.type   'polypeptide(L)'
_entity_poly.pdbx_seq_one_letter_code
;GAGVSEYELPEDPRWELPRDRLVLGKPLGEGAFGQVVLAEAIGLDKDKPNRVTKVAVKMLKSDATEKDLSDLISEMEMMK
MIGKHKNIINLLGACTQDGPLYVIVEYASKGNLREYLQARRPPGLEYSYNPSHNPEEQLSSKDLVSCAYQVARGMEYLAS
KKCIHRDLAARNVLVTEDNVMKIADFGLARDIHHIDYYKKTTNGRLPVKWMAPEALFDRIYTHQSDVWSFGVLLWEIFTL
GGSPYPGVPVEELFKLLKEGHRMDKPSNCTNELYMMMRDCWHAVPSQRPTFKQLVEDLDRIVALTSNQE
;
_entity_poly.pdbx_strand_id   A,B
#
loop_
_chem_comp.id
_chem_comp.type
_chem_comp.name
_chem_comp.formula
5SF non-polymer ~{N}'-(3,5-dimethoxyphenyl)-~{N}'-[3-(1-methylpyrazol-4-yl)quinoxalin-6-yl]-~{N}-propan-2-yl-ethane-1,2-diamine 'C25 H30 N6 O2'
SO4 non-polymer 'SULFATE ION' 'O4 S -2'
#
# COMPACT_ATOMS: atom_id res chain seq x y z
N GLU A 8 -18.44 15.76 46.48
CA GLU A 8 -18.79 16.03 45.09
C GLU A 8 -17.65 16.69 44.31
N LEU A 9 -17.98 17.41 43.21
CA LEU A 9 -16.95 18.12 42.44
C LEU A 9 -16.57 19.43 43.11
N PRO A 10 -15.26 19.76 43.22
CA PRO A 10 -14.91 21.03 43.86
C PRO A 10 -15.23 22.22 42.97
N GLU A 11 -15.60 23.36 43.58
CA GLU A 11 -15.83 24.58 42.81
C GLU A 11 -14.53 25.12 42.26
N ASP A 12 -14.55 25.64 41.03
CA ASP A 12 -13.39 26.29 40.42
C ASP A 12 -13.93 27.52 39.67
N PRO A 13 -13.93 28.67 40.35
CA PRO A 13 -14.47 29.89 39.71
C PRO A 13 -13.71 30.35 38.45
N ARG A 14 -12.46 29.88 38.23
CA ARG A 14 -11.71 30.26 37.02
C ARG A 14 -12.45 29.79 35.75
N TRP A 15 -13.19 28.67 35.86
CA TRP A 15 -13.78 27.98 34.73
C TRP A 15 -15.30 27.81 34.75
N GLU A 16 -15.94 28.02 35.90
CA GLU A 16 -17.36 27.75 36.03
C GLU A 16 -18.25 28.62 35.17
N LEU A 17 -19.16 27.96 34.44
CA LEU A 17 -20.21 28.65 33.66
C LEU A 17 -21.57 28.27 34.26
N PRO A 18 -22.49 29.22 34.58
CA PRO A 18 -23.81 28.80 35.09
C PRO A 18 -24.52 27.96 34.02
N ARG A 19 -25.19 26.89 34.44
CA ARG A 19 -25.93 25.98 33.55
C ARG A 19 -26.95 26.62 32.65
N ASP A 20 -27.61 27.68 33.15
CA ASP A 20 -28.63 28.38 32.38
C ASP A 20 -28.04 29.20 31.23
N ARG A 21 -26.68 29.18 31.10
CA ARG A 21 -26.02 29.89 30.00
C ARG A 21 -25.70 28.96 28.86
N LEU A 22 -25.97 27.69 29.05
CA LEU A 22 -25.59 26.72 28.05
C LEU A 22 -26.84 26.06 27.48
N VAL A 23 -27.05 26.22 26.16
CA VAL A 23 -28.21 25.66 25.45
C VAL A 23 -27.72 24.45 24.69
N LEU A 24 -28.01 23.23 25.20
CA LEU A 24 -27.54 21.98 24.59
C LEU A 24 -28.21 21.70 23.25
N GLY A 25 -27.41 21.26 22.29
CA GLY A 25 -27.82 20.95 20.93
C GLY A 25 -27.59 19.52 20.49
N LYS A 26 -27.35 19.35 19.20
CA LYS A 26 -27.24 18.04 18.55
C LYS A 26 -25.97 17.28 18.88
N PRO A 27 -26.01 15.92 18.84
CA PRO A 27 -24.76 15.15 19.08
C PRO A 27 -23.70 15.42 18.01
N LEU A 28 -22.42 15.39 18.43
CA LEU A 28 -21.27 15.56 17.54
C LEU A 28 -20.47 14.26 17.45
N GLY A 29 -20.33 13.59 18.58
CA GLY A 29 -19.60 12.33 18.69
C GLY A 29 -19.90 11.60 19.99
N GLU A 30 -19.51 10.32 20.05
CA GLU A 30 -19.73 9.46 21.20
C GLU A 30 -18.69 8.36 21.29
N GLY A 31 -18.40 7.97 22.52
CA GLY A 31 -17.49 6.88 22.84
C GLY A 31 -18.24 5.82 23.60
N ALA A 32 -17.51 5.05 24.43
CA ALA A 32 -18.06 3.99 25.27
C ALA A 32 -19.01 4.54 26.36
N PHE A 33 -18.51 5.43 27.25
CA PHE A 33 -19.32 6.02 28.33
C PHE A 33 -19.24 7.57 28.37
N GLY A 34 -18.90 8.16 27.22
CA GLY A 34 -18.79 9.60 27.00
C GLY A 34 -19.48 10.04 25.74
N GLN A 35 -19.97 11.29 25.70
CA GLN A 35 -20.66 11.86 24.55
C GLN A 35 -20.38 13.36 24.44
N VAL A 36 -20.35 13.87 23.20
CA VAL A 36 -20.08 15.27 22.91
C VAL A 36 -21.25 15.84 22.11
N VAL A 37 -21.72 17.03 22.50
CA VAL A 37 -22.83 17.68 21.80
C VAL A 37 -22.43 19.09 21.42
N LEU A 38 -23.10 19.62 20.39
CA LEU A 38 -22.91 20.99 20.02
C LEU A 38 -23.78 21.77 21.00
N ALA A 39 -23.33 22.96 21.42
CA ALA A 39 -24.16 23.80 22.28
C ALA A 39 -23.91 25.28 21.98
N GLU A 40 -24.75 26.16 22.53
CA GLU A 40 -24.59 27.60 22.44
C GLU A 40 -24.38 28.11 23.85
N ALA A 41 -23.27 28.79 24.07
CA ALA A 41 -22.99 29.37 25.40
C ALA A 41 -23.30 30.85 25.35
N ILE A 42 -24.13 31.32 26.27
CA ILE A 42 -24.50 32.74 26.32
C ILE A 42 -23.52 33.42 27.25
N GLY A 43 -22.86 34.46 26.75
CA GLY A 43 -21.93 35.23 27.59
C GLY A 43 -20.82 34.41 28.21
N LEU A 44 -20.21 33.55 27.39
CA LEU A 44 -19.10 32.73 27.84
C LEU A 44 -17.97 33.64 28.35
N ASP A 45 -17.80 34.81 27.70
CA ASP A 45 -16.87 35.89 28.05
C ASP A 45 -17.63 36.92 28.92
N LYS A 46 -16.96 37.42 30.00
CA LYS A 46 -17.48 38.44 30.94
C LYS A 46 -18.12 39.66 30.26
N ASP A 47 -17.65 39.97 29.03
CA ASP A 47 -18.16 40.98 28.10
C ASP A 47 -17.84 40.46 26.67
N LYS A 48 -18.86 40.21 25.80
CA LYS A 48 -20.27 40.50 26.02
C LYS A 48 -21.10 39.37 26.64
N PRO A 49 -21.87 39.69 27.71
CA PRO A 49 -22.79 38.70 28.28
C PRO A 49 -23.99 38.39 27.36
N ASN A 50 -24.21 39.20 26.28
CA ASN A 50 -25.33 39.07 25.32
C ASN A 50 -24.97 38.41 23.99
N ARG A 51 -23.79 37.79 23.93
CA ARG A 51 -23.32 37.12 22.72
C ARG A 51 -23.41 35.60 22.95
N VAL A 52 -23.76 34.84 21.91
CA VAL A 52 -23.75 33.37 21.99
C VAL A 52 -22.54 32.88 21.21
N THR A 53 -21.90 31.86 21.73
CA THR A 53 -20.76 31.22 21.08
C THR A 53 -21.09 29.75 20.89
N LYS A 54 -20.89 29.21 19.67
CA LYS A 54 -21.07 27.79 19.43
C LYS A 54 -19.84 27.09 20.05
N VAL A 55 -20.10 26.09 20.91
CA VAL A 55 -19.08 25.32 21.63
C VAL A 55 -19.42 23.83 21.56
N ALA A 56 -18.46 22.97 21.96
CA ALA A 56 -18.70 21.53 22.05
C ALA A 56 -18.71 21.20 23.55
N VAL A 57 -19.59 20.28 23.97
CA VAL A 57 -19.72 19.94 25.39
C VAL A 57 -19.54 18.45 25.56
N LYS A 58 -18.56 18.02 26.37
CA LYS A 58 -18.36 16.61 26.67
C LYS A 58 -19.01 16.32 28.03
N MET A 59 -19.71 15.19 28.10
CA MET A 59 -20.39 14.78 29.32
C MET A 59 -20.38 13.25 29.38
N LEU A 60 -20.79 12.69 30.51
CA LEU A 60 -20.86 11.24 30.66
C LEU A 60 -22.14 10.68 30.07
N LYS A 61 -22.09 9.41 29.67
CA LYS A 61 -23.27 8.68 29.20
C LYS A 61 -24.10 8.29 30.43
N SER A 62 -25.38 7.93 30.27
CA SER A 62 -26.21 7.57 31.42
C SER A 62 -25.73 6.31 32.16
N ASP A 63 -24.96 5.43 31.50
CA ASP A 63 -24.48 4.20 32.14
C ASP A 63 -23.04 4.33 32.67
N ALA A 64 -22.53 5.57 32.82
CA ALA A 64 -21.19 5.86 33.31
C ALA A 64 -20.99 5.46 34.76
N THR A 65 -19.76 5.04 35.10
CA THR A 65 -19.39 4.63 36.45
C THR A 65 -18.57 5.77 37.11
N GLU A 66 -18.23 5.58 38.41
CA GLU A 66 -17.38 6.51 39.17
C GLU A 66 -16.02 6.66 38.47
N LYS A 67 -15.49 5.56 37.89
CA LYS A 67 -14.23 5.59 37.15
C LYS A 67 -14.33 6.46 35.91
N ASP A 68 -15.46 6.39 35.16
CA ASP A 68 -15.65 7.24 33.98
C ASP A 68 -15.71 8.70 34.41
N LEU A 69 -16.35 8.99 35.56
CA LEU A 69 -16.39 10.38 36.03
C LEU A 69 -14.98 10.84 36.36
N SER A 70 -14.21 10.00 37.08
CA SER A 70 -12.84 10.29 37.45
C SER A 70 -12.02 10.59 36.18
N ASP A 71 -12.23 9.80 35.10
CA ASP A 71 -11.52 9.97 33.81
C ASP A 71 -11.85 11.32 33.15
N LEU A 72 -13.14 11.70 33.17
CA LEU A 72 -13.53 12.98 32.55
C LEU A 72 -12.93 14.15 33.35
N ILE A 73 -12.93 14.03 34.69
CA ILE A 73 -12.36 15.10 35.52
C ILE A 73 -10.85 15.22 35.23
N SER A 74 -10.14 14.08 35.16
CA SER A 74 -8.71 14.05 34.91
C SER A 74 -8.37 14.77 33.59
N GLU A 75 -9.15 14.50 32.56
CA GLU A 75 -8.94 15.13 31.24
C GLU A 75 -9.15 16.66 31.36
N MET A 76 -10.25 17.10 31.98
CA MET A 76 -10.51 18.54 32.15
C MET A 76 -9.33 19.18 32.95
N GLU A 77 -8.91 18.54 34.06
CA GLU A 77 -7.82 19.07 34.89
C GLU A 77 -6.53 19.19 34.11
N MET A 78 -6.24 18.19 33.25
CA MET A 78 -5.02 18.29 32.42
C MET A 78 -5.13 19.46 31.45
N MET A 79 -6.31 19.64 30.85
CA MET A 79 -6.50 20.77 29.92
C MET A 79 -6.33 22.12 30.61
N LYS A 80 -6.79 22.24 31.87
CA LYS A 80 -6.57 23.50 32.63
C LYS A 80 -5.07 23.76 32.75
N MET A 81 -4.31 22.73 33.11
CA MET A 81 -2.86 22.87 33.35
C MET A 81 -2.07 23.21 32.08
N ILE A 82 -2.46 22.57 30.96
CA ILE A 82 -1.73 22.75 29.67
C ILE A 82 -1.88 24.15 29.10
N GLY A 83 -3.02 24.79 29.30
CA GLY A 83 -3.19 26.14 28.79
C GLY A 83 -3.55 26.19 27.33
N LYS A 84 -3.69 27.42 26.79
CA LYS A 84 -4.21 27.64 25.43
C LYS A 84 -3.20 27.70 24.31
N HIS A 85 -3.62 27.18 23.15
CA HIS A 85 -2.86 27.31 21.92
C HIS A 85 -3.83 27.28 20.73
N LYS A 86 -3.52 28.06 19.67
CA LYS A 86 -4.37 28.13 18.46
C LYS A 86 -4.61 26.74 17.82
N ASN A 87 -3.60 25.84 17.91
CA ASN A 87 -3.69 24.56 17.21
C ASN A 87 -4.00 23.36 18.09
N ILE A 88 -4.75 23.62 19.18
CA ILE A 88 -5.30 22.57 20.02
C ILE A 88 -6.76 22.93 20.29
N ILE A 89 -7.58 21.94 20.61
CA ILE A 89 -8.99 22.17 21.00
C ILE A 89 -8.88 22.67 22.44
N ASN A 90 -9.29 23.93 22.67
CA ASN A 90 -9.11 24.51 23.99
C ASN A 90 -10.29 24.35 24.94
N LEU A 91 -9.99 24.28 26.23
CA LEU A 91 -10.99 24.27 27.30
C LEU A 91 -11.53 25.72 27.39
N LEU A 92 -12.87 25.84 27.46
CA LEU A 92 -13.52 27.14 27.54
C LEU A 92 -14.25 27.35 28.85
N GLY A 93 -14.64 26.27 29.50
CA GLY A 93 -15.42 26.37 30.74
C GLY A 93 -15.93 25.02 31.18
N ALA A 94 -16.67 25.01 32.29
CA ALA A 94 -17.27 23.78 32.78
C ALA A 94 -18.49 24.09 33.62
N CYS A 95 -19.43 23.11 33.66
CA CYS A 95 -20.60 23.12 34.58
C CYS A 95 -20.35 21.94 35.50
N THR A 96 -20.01 22.21 36.77
CA THR A 96 -19.63 21.16 37.70
C THR A 96 -20.54 21.03 38.91
N GLN A 97 -21.43 22.01 39.12
CA GLN A 97 -22.27 22.08 40.31
C GLN A 97 -23.72 21.81 40.01
N ASP A 98 -24.40 21.16 40.97
CA ASP A 98 -25.85 20.90 40.94
C ASP A 98 -26.33 20.30 39.62
N GLY A 99 -25.71 19.19 39.24
CA GLY A 99 -26.03 18.51 38.00
C GLY A 99 -24.85 17.82 37.35
N PRO A 100 -25.08 17.22 36.17
CA PRO A 100 -24.00 16.48 35.49
C PRO A 100 -22.81 17.34 35.07
N LEU A 101 -21.62 16.73 35.07
CA LEU A 101 -20.42 17.42 34.66
C LEU A 101 -20.45 17.68 33.17
N TYR A 102 -20.28 18.96 32.79
CA TYR A 102 -20.16 19.36 31.39
C TYR A 102 -18.80 20.02 31.21
N VAL A 103 -18.01 19.53 30.26
CA VAL A 103 -16.68 20.11 29.97
C VAL A 103 -16.83 20.80 28.63
N ILE A 104 -16.69 22.14 28.63
CA ILE A 104 -16.97 22.97 27.46
C ILE A 104 -15.71 23.28 26.73
N VAL A 105 -15.64 22.93 25.44
CA VAL A 105 -14.43 23.10 24.63
C VAL A 105 -14.76 23.77 23.29
N GLU A 106 -13.71 24.15 22.53
CA GLU A 106 -13.93 24.78 21.22
C GLU A 106 -14.61 23.83 20.25
N TYR A 107 -15.50 24.39 19.44
CA TYR A 107 -16.22 23.67 18.41
C TYR A 107 -15.43 23.79 17.08
N ALA A 108 -15.29 22.66 16.37
CA ALA A 108 -14.55 22.60 15.11
C ALA A 108 -15.53 22.09 14.06
N SER A 109 -16.22 23.03 13.43
CA SER A 109 -17.35 22.74 12.55
C SER A 109 -17.10 21.79 11.40
N LYS A 110 -15.86 21.71 10.90
CA LYS A 110 -15.56 20.89 9.73
C LYS A 110 -15.16 19.45 10.09
N GLY A 111 -15.18 19.09 11.39
CA GLY A 111 -14.93 17.73 11.83
C GLY A 111 -13.49 17.28 11.77
N ASN A 112 -13.28 15.95 11.73
CA ASN A 112 -11.90 15.45 11.81
C ASN A 112 -11.13 15.59 10.50
N LEU A 113 -9.78 15.63 10.59
CA LEU A 113 -8.93 15.84 9.44
C LEU A 113 -9.02 14.71 8.41
N ARG A 114 -9.19 13.46 8.85
CA ARG A 114 -9.27 12.31 7.92
C ARG A 114 -10.46 12.55 6.97
N GLU A 115 -11.65 12.82 7.54
CA GLU A 115 -12.86 13.08 6.73
C GLU A 115 -12.71 14.36 5.88
N TYR A 116 -12.08 15.40 6.43
CA TYR A 116 -11.84 16.68 5.75
C TYR A 116 -11.03 16.47 4.45
N LEU A 117 -9.95 15.67 4.56
CA LEU A 117 -9.08 15.37 3.42
C LEU A 117 -9.84 14.53 2.38
N GLN A 118 -10.54 13.48 2.84
CA GLN A 118 -11.26 12.56 1.95
C GLN A 118 -12.33 13.25 1.13
N ALA A 119 -13.03 14.22 1.77
CA ALA A 119 -14.11 14.98 1.13
C ALA A 119 -13.56 15.95 0.07
N ARG A 120 -12.23 16.19 0.06
CA ARG A 120 -11.58 17.13 -0.84
C ARG A 120 -10.74 16.43 -1.90
N ARG A 121 -10.90 15.11 -2.01
CA ARG A 121 -10.25 14.36 -3.08
C ARG A 121 -10.86 14.79 -4.42
N PRO A 122 -10.09 14.76 -5.56
CA PRO A 122 -10.70 15.05 -6.85
C PRO A 122 -11.84 14.04 -7.11
N PRO A 123 -12.91 14.44 -7.83
CA PRO A 123 -14.04 13.51 -8.03
C PRO A 123 -13.68 12.21 -8.73
N GLY A 124 -14.50 11.18 -8.49
CA GLY A 124 -14.32 9.84 -9.03
C GLY A 124 -14.65 9.69 -10.50
N GLU A 136 -15.36 19.85 -0.15
CA GLU A 136 -15.52 21.06 -0.95
C GLU A 136 -14.47 21.16 -2.09
N GLU A 137 -13.82 22.34 -2.25
CA GLU A 137 -12.79 22.64 -3.26
C GLU A 137 -11.53 21.80 -3.02
N GLN A 138 -10.79 21.47 -4.08
CA GLN A 138 -9.54 20.70 -3.98
C GLN A 138 -8.47 21.48 -3.22
N LEU A 139 -7.62 20.77 -2.48
CA LEU A 139 -6.58 21.42 -1.69
C LEU A 139 -5.33 21.57 -2.51
N SER A 140 -4.65 22.73 -2.40
CA SER A 140 -3.41 22.91 -3.13
C SER A 140 -2.29 22.19 -2.39
N SER A 141 -1.11 22.07 -3.03
CA SER A 141 0.05 21.48 -2.36
C SER A 141 0.41 22.34 -1.14
N LYS A 142 0.30 23.67 -1.25
CA LYS A 142 0.60 24.57 -0.13
C LYS A 142 -0.37 24.35 1.05
N ASP A 143 -1.68 24.14 0.75
CA ASP A 143 -2.71 23.86 1.78
C ASP A 143 -2.36 22.60 2.56
N LEU A 144 -1.88 21.57 1.86
CA LEU A 144 -1.53 20.30 2.53
C LEU A 144 -0.33 20.48 3.47
N VAL A 145 0.71 21.18 3.00
CA VAL A 145 1.90 21.42 3.86
C VAL A 145 1.48 22.34 5.04
N SER A 146 0.56 23.31 4.79
CA SER A 146 0.06 24.19 5.86
C SER A 146 -0.65 23.38 6.94
N CYS A 147 -1.44 22.39 6.52
N CYS A 147 -1.46 22.36 6.53
CA CYS A 147 -2.12 21.50 7.44
CA CYS A 147 -2.13 21.43 7.48
C CYS A 147 -1.09 20.78 8.33
C CYS A 147 -1.07 20.78 8.36
N ALA A 148 -0.04 20.22 7.72
CA ALA A 148 1.05 19.53 8.45
C ALA A 148 1.75 20.50 9.43
N TYR A 149 2.04 21.73 8.96
CA TYR A 149 2.67 22.74 9.80
C TYR A 149 1.83 23.05 11.07
N GLN A 150 0.51 23.25 10.88
CA GLN A 150 -0.38 23.58 12.01
C GLN A 150 -0.44 22.46 13.02
N VAL A 151 -0.52 21.19 12.53
CA VAL A 151 -0.54 20.06 13.45
C VAL A 151 0.82 20.01 14.21
N ALA A 152 1.95 20.17 13.49
CA ALA A 152 3.27 20.14 14.15
C ALA A 152 3.37 21.26 15.21
N ARG A 153 2.75 22.43 14.93
CA ARG A 153 2.78 23.59 15.85
C ARG A 153 2.01 23.27 17.13
N GLY A 154 0.85 22.62 16.98
CA GLY A 154 0.03 22.19 18.12
C GLY A 154 0.78 21.16 18.96
N MET A 155 1.43 20.20 18.28
CA MET A 155 2.23 19.19 18.98
C MET A 155 3.47 19.79 19.68
N GLU A 156 4.11 20.78 19.06
CA GLU A 156 5.29 21.43 19.66
C GLU A 156 4.82 22.12 20.95
N TYR A 157 3.63 22.75 20.91
CA TYR A 157 3.08 23.40 22.11
C TYR A 157 2.81 22.35 23.18
N LEU A 158 2.09 21.28 22.84
CA LEU A 158 1.79 20.24 23.83
C LEU A 158 3.06 19.64 24.43
N ALA A 159 4.04 19.32 23.58
CA ALA A 159 5.31 18.75 24.07
C ALA A 159 6.00 19.74 25.06
N SER A 160 5.98 21.05 24.74
CA SER A 160 6.55 22.12 25.59
C SER A 160 5.85 22.17 26.97
N LYS A 161 4.58 21.72 27.01
CA LYS A 161 3.77 21.62 28.23
C LYS A 161 3.79 20.24 28.85
N LYS A 162 4.78 19.40 28.44
CA LYS A 162 5.05 18.07 29.01
C LYS A 162 3.97 17.05 28.73
N CYS A 163 3.17 17.31 27.68
CA CYS A 163 2.06 16.44 27.30
C CYS A 163 2.53 15.49 26.21
N ILE A 164 2.23 14.19 26.37
CA ILE A 164 2.48 13.15 25.35
C ILE A 164 1.07 12.72 24.91
N HIS A 165 0.76 12.85 23.61
CA HIS A 165 -0.58 12.57 23.10
C HIS A 165 -0.94 11.09 23.19
N ARG A 166 -0.04 10.21 22.65
CA ARG A 166 -0.18 8.75 22.63
C ARG A 166 -1.11 8.20 21.54
N ASP A 167 -1.94 9.05 20.90
CA ASP A 167 -2.78 8.55 19.78
C ASP A 167 -2.88 9.62 18.70
N LEU A 168 -1.72 10.21 18.32
CA LEU A 168 -1.73 11.25 17.28
C LEU A 168 -2.04 10.60 15.93
N ALA A 169 -3.08 11.08 15.26
CA ALA A 169 -3.61 10.55 14.00
C ALA A 169 -4.55 11.59 13.43
N ALA A 170 -4.81 11.55 12.11
CA ALA A 170 -5.71 12.56 11.51
C ALA A 170 -7.11 12.50 12.13
N ARG A 171 -7.55 11.32 12.60
CA ARG A 171 -8.88 11.19 13.27
C ARG A 171 -8.94 12.04 14.54
N ASN A 172 -7.77 12.33 15.16
CA ASN A 172 -7.70 13.09 16.40
C ASN A 172 -7.30 14.54 16.19
N VAL A 173 -7.43 15.01 14.93
CA VAL A 173 -7.19 16.43 14.61
C VAL A 173 -8.54 16.92 14.09
N LEU A 174 -9.02 18.04 14.64
CA LEU A 174 -10.29 18.62 14.16
C LEU A 174 -10.05 19.88 13.39
N VAL A 175 -10.99 20.24 12.50
CA VAL A 175 -10.83 21.40 11.64
C VAL A 175 -11.95 22.40 11.91
N THR A 176 -11.60 23.67 12.17
CA THR A 176 -12.64 24.67 12.42
C THR A 176 -13.23 25.20 11.14
N GLU A 177 -14.25 26.08 11.27
CA GLU A 177 -14.92 26.75 10.13
C GLU A 177 -13.92 27.58 9.31
N ASP A 178 -12.84 28.09 9.95
CA ASP A 178 -11.81 28.87 9.27
C ASP A 178 -10.58 28.03 8.87
N ASN A 179 -10.75 26.70 8.79
CA ASN A 179 -9.75 25.72 8.35
C ASN A 179 -8.52 25.66 9.28
N VAL A 180 -8.70 25.97 10.57
CA VAL A 180 -7.60 25.88 11.55
C VAL A 180 -7.55 24.45 12.06
N MET A 181 -6.35 23.82 12.03
CA MET A 181 -6.15 22.46 12.53
C MET A 181 -6.02 22.54 14.05
N LYS A 182 -6.77 21.68 14.78
CA LYS A 182 -6.71 21.66 16.25
C LYS A 182 -6.58 20.22 16.76
N ILE A 183 -5.51 19.95 17.49
CA ILE A 183 -5.30 18.62 18.10
C ILE A 183 -6.39 18.40 19.16
N ALA A 184 -7.06 17.25 19.08
CA ALA A 184 -8.12 16.86 20.01
C ALA A 184 -7.61 15.77 20.94
N ASP A 185 -8.31 15.58 22.06
CA ASP A 185 -8.16 14.46 23.00
C ASP A 185 -6.74 14.24 23.50
N PHE A 186 -6.01 15.35 23.68
CA PHE A 186 -4.63 15.28 24.18
C PHE A 186 -4.56 14.99 25.70
N GLY A 187 -5.68 15.14 26.40
CA GLY A 187 -5.74 14.91 27.85
C GLY A 187 -6.56 13.69 28.24
N LEU A 188 -6.98 12.90 27.24
CA LEU A 188 -7.83 11.72 27.42
C LEU A 188 -7.23 10.72 28.40
N ALA A 189 -8.05 10.22 29.35
CA ALA A 189 -7.57 9.22 30.28
C ALA A 189 -7.31 7.93 29.49
N ARG A 190 -6.15 7.31 29.74
CA ARG A 190 -5.74 6.14 28.97
C ARG A 190 -4.89 5.22 29.83
N ASP A 191 -5.31 3.95 30.01
CA ASP A 191 -4.50 2.97 30.71
C ASP A 191 -3.81 2.17 29.62
N ILE A 192 -2.52 2.44 29.40
CA ILE A 192 -1.72 1.81 28.31
C ILE A 192 -1.48 0.31 28.54
N HIS A 193 -1.70 -0.18 29.78
CA HIS A 193 -1.51 -1.60 30.05
C HIS A 193 -2.79 -2.39 29.79
N HIS A 194 -3.88 -1.70 29.38
CA HIS A 194 -5.15 -2.38 29.09
C HIS A 194 -5.71 -2.03 27.70
N ILE A 195 -4.81 -1.72 26.74
CA ILE A 195 -5.19 -1.44 25.35
C ILE A 195 -5.55 -2.76 24.66
N ASP A 196 -6.67 -2.78 23.94
CA ASP A 196 -7.05 -3.91 23.13
C ASP A 196 -6.49 -3.58 21.73
N TYR A 197 -5.40 -4.25 21.32
CA TYR A 197 -4.74 -4.02 20.02
C TYR A 197 -5.62 -4.36 18.82
N TYR A 198 -6.62 -5.21 19.04
CA TYR A 198 -7.53 -5.69 18.00
C TYR A 198 -8.76 -4.79 17.81
N LYS A 199 -8.97 -3.84 18.74
CA LYS A 199 -10.11 -2.92 18.70
C LYS A 199 -9.97 -1.94 17.55
N LYS A 200 -11.00 -1.87 16.70
CA LYS A 200 -11.00 -0.97 15.54
C LYS A 200 -11.67 0.37 15.86
N THR A 201 -11.32 1.41 15.10
CA THR A 201 -11.92 2.75 15.27
C THR A 201 -13.32 2.70 14.66
N THR A 202 -14.10 3.79 14.82
CA THR A 202 -15.45 3.94 14.25
C THR A 202 -15.44 3.66 12.73
N ASN A 203 -14.37 4.12 12.02
CA ASN A 203 -14.19 3.97 10.57
C ASN A 203 -13.59 2.58 10.14
N GLY A 204 -13.36 1.68 11.10
CA GLY A 204 -12.86 0.33 10.83
C GLY A 204 -11.34 0.15 10.69
N ARG A 205 -10.56 1.08 11.21
CA ARG A 205 -9.09 1.00 11.12
C ARG A 205 -8.47 0.60 12.45
N LEU A 206 -7.21 0.14 12.43
CA LEU A 206 -6.52 -0.29 13.65
C LEU A 206 -5.55 0.81 14.18
N PRO A 207 -5.82 1.43 15.36
CA PRO A 207 -4.90 2.49 15.89
C PRO A 207 -3.45 2.07 16.11
N VAL A 208 -3.18 0.75 16.23
CA VAL A 208 -1.81 0.24 16.37
C VAL A 208 -0.95 0.70 15.19
N LYS A 209 -1.60 0.98 14.02
CA LYS A 209 -0.86 1.36 12.83
C LYS A 209 -0.22 2.76 12.91
N TRP A 210 -0.51 3.52 14.00
CA TRP A 210 0.09 4.84 14.22
C TRP A 210 1.12 4.77 15.37
N MET A 211 1.28 3.60 16.01
CA MET A 211 2.15 3.49 17.17
C MET A 211 3.62 3.26 16.84
N ALA A 212 4.52 3.98 17.52
CA ALA A 212 5.95 3.70 17.35
C ALA A 212 6.22 2.26 17.84
N PRO A 213 7.23 1.56 17.29
CA PRO A 213 7.53 0.20 17.75
C PRO A 213 7.80 0.12 19.26
N GLU A 214 8.51 1.10 19.84
CA GLU A 214 8.76 1.03 21.30
C GLU A 214 7.48 1.23 22.13
N ALA A 215 6.51 1.95 21.57
CA ALA A 215 5.22 2.11 22.25
C ALA A 215 4.41 0.82 22.11
N LEU A 216 4.38 0.25 20.91
CA LEU A 216 3.64 -0.97 20.62
C LEU A 216 4.20 -2.21 21.33
N PHE A 217 5.50 -2.47 21.18
CA PHE A 217 6.11 -3.65 21.76
C PHE A 217 6.51 -3.52 23.22
N ASP A 218 6.98 -2.32 23.64
CA ASP A 218 7.52 -2.13 24.99
C ASP A 218 6.71 -1.20 25.89
N ARG A 219 5.58 -0.66 25.39
CA ARG A 219 4.69 0.25 26.11
C ARG A 219 5.42 1.49 26.62
N ILE A 220 6.39 1.98 25.82
CA ILE A 220 7.16 3.17 26.16
C ILE A 220 6.66 4.32 25.29
N TYR A 221 5.96 5.28 25.91
CA TYR A 221 5.44 6.46 25.24
C TYR A 221 6.24 7.69 25.61
N THR A 222 6.69 8.41 24.58
CA THR A 222 7.54 9.59 24.72
C THR A 222 7.15 10.64 23.70
N HIS A 223 7.77 11.84 23.75
CA HIS A 223 7.54 12.80 22.65
C HIS A 223 8.06 12.18 21.33
N GLN A 224 9.10 11.31 21.42
CA GLN A 224 9.69 10.63 20.25
C GLN A 224 8.70 9.67 19.61
N SER A 225 7.89 8.97 20.43
CA SER A 225 6.89 8.06 19.86
C SER A 225 5.73 8.86 19.23
N ASP A 226 5.44 10.10 19.75
CA ASP A 226 4.43 10.94 19.11
C ASP A 226 4.97 11.42 17.75
N VAL A 227 6.32 11.64 17.63
CA VAL A 227 6.90 12.05 16.32
C VAL A 227 6.70 10.94 15.32
N TRP A 228 6.89 9.68 15.74
CA TRP A 228 6.62 8.54 14.83
C TRP A 228 5.16 8.63 14.33
N SER A 229 4.21 8.81 15.27
CA SER A 229 2.80 8.94 14.90
C SER A 229 2.57 10.11 13.92
N PHE A 230 3.28 11.24 14.15
CA PHE A 230 3.19 12.43 13.28
C PHE A 230 3.66 12.06 11.86
N GLY A 231 4.65 11.18 11.75
CA GLY A 231 5.06 10.72 10.41
C GLY A 231 3.92 9.99 9.70
N VAL A 232 3.16 9.16 10.44
CA VAL A 232 1.99 8.44 9.87
C VAL A 232 0.94 9.48 9.48
N LEU A 233 0.74 10.48 10.36
CA LEU A 233 -0.20 11.58 10.09
C LEU A 233 0.20 12.36 8.80
N LEU A 234 1.50 12.62 8.58
CA LEU A 234 1.98 13.27 7.34
C LEU A 234 1.58 12.41 6.14
N TRP A 235 1.77 11.08 6.25
CA TRP A 235 1.37 10.15 5.19
C TRP A 235 -0.13 10.23 4.93
N GLU A 236 -0.95 10.34 5.99
CA GLU A 236 -2.41 10.51 5.83
C GLU A 236 -2.70 11.81 5.10
N ILE A 237 -1.98 12.90 5.43
CA ILE A 237 -2.22 14.18 4.75
C ILE A 237 -1.92 14.08 3.26
N PHE A 238 -0.73 13.57 2.91
CA PHE A 238 -0.33 13.56 1.50
C PHE A 238 -1.02 12.46 0.66
N THR A 239 -1.71 11.52 1.31
CA THR A 239 -2.56 10.55 0.61
C THR A 239 -4.04 11.00 0.61
N LEU A 240 -4.32 12.22 1.11
CA LEU A 240 -5.68 12.78 1.21
C LEU A 240 -6.61 11.88 2.03
N GLY A 241 -6.12 11.47 3.19
CA GLY A 241 -6.88 10.62 4.10
C GLY A 241 -6.79 9.14 3.78
N GLY A 242 -5.66 8.70 3.26
CA GLY A 242 -5.44 7.28 2.98
C GLY A 242 -5.35 6.45 4.26
N SER A 243 -5.64 5.17 4.11
CA SER A 243 -5.63 4.21 5.20
C SER A 243 -4.25 3.52 5.27
N PRO A 244 -3.47 3.69 6.36
CA PRO A 244 -2.17 2.98 6.44
C PRO A 244 -2.34 1.46 6.47
N TYR A 245 -1.53 0.73 5.72
CA TYR A 245 -1.52 -0.74 5.66
C TYR A 245 -2.92 -1.35 5.53
N PRO A 246 -3.67 -0.98 4.48
CA PRO A 246 -5.05 -1.55 4.35
C PRO A 246 -5.05 -3.07 4.24
N GLY A 247 -5.93 -3.69 5.01
CA GLY A 247 -6.09 -5.16 5.03
C GLY A 247 -5.06 -5.90 5.87
N VAL A 248 -4.14 -5.18 6.54
CA VAL A 248 -3.09 -5.80 7.36
C VAL A 248 -3.62 -6.00 8.82
N PRO A 249 -3.73 -7.25 9.29
CA PRO A 249 -4.16 -7.47 10.69
C PRO A 249 -3.01 -7.24 11.65
N VAL A 250 -3.36 -7.18 12.95
CA VAL A 250 -2.41 -6.89 14.03
C VAL A 250 -1.12 -7.75 13.96
N GLU A 251 -1.26 -9.08 13.89
CA GLU A 251 -0.10 -9.96 13.87
C GLU A 251 0.82 -9.73 12.68
N GLU A 252 0.25 -9.38 11.52
CA GLU A 252 1.07 -9.11 10.33
C GLU A 252 1.73 -7.74 10.45
N LEU A 253 1.06 -6.77 11.09
CA LEU A 253 1.69 -5.47 11.30
C LEU A 253 2.94 -5.65 12.19
N PHE A 254 2.83 -6.44 13.27
CA PHE A 254 3.97 -6.72 14.15
C PHE A 254 5.16 -7.25 13.33
N LYS A 255 4.91 -8.20 12.42
CA LYS A 255 5.94 -8.77 11.56
C LYS A 255 6.57 -7.69 10.66
N LEU A 256 5.74 -6.82 10.02
CA LEU A 256 6.24 -5.73 9.19
C LEU A 256 7.17 -4.80 9.99
N LEU A 257 6.76 -4.42 11.21
CA LEU A 257 7.56 -3.51 12.05
C LEU A 257 8.90 -4.19 12.45
N LYS A 258 8.84 -5.49 12.80
CA LYS A 258 10.07 -6.22 13.13
C LYS A 258 11.06 -6.29 11.98
N GLU A 259 10.54 -6.34 10.72
CA GLU A 259 11.34 -6.38 9.50
C GLU A 259 11.87 -5.00 9.08
N GLY A 260 11.46 -3.95 9.79
CA GLY A 260 11.87 -2.59 9.44
C GLY A 260 11.13 -2.07 8.21
N HIS A 261 9.94 -2.64 7.91
CA HIS A 261 9.14 -2.18 6.77
C HIS A 261 8.76 -0.71 6.95
N ARG A 262 8.79 0.05 5.84
CA ARG A 262 8.33 1.45 5.82
C ARG A 262 7.38 1.65 4.65
N MET A 263 6.29 2.42 4.86
CA MET A 263 5.30 2.71 3.82
C MET A 263 5.94 3.41 2.65
N ASP A 264 5.41 3.13 1.44
CA ASP A 264 5.91 3.71 0.21
C ASP A 264 5.57 5.19 0.13
N LYS A 265 6.32 5.92 -0.70
CA LYS A 265 6.10 7.33 -0.97
C LYS A 265 4.74 7.53 -1.61
N PRO A 266 3.88 8.40 -1.08
CA PRO A 266 2.60 8.64 -1.76
C PRO A 266 2.83 9.35 -3.09
N SER A 267 1.87 9.26 -4.02
CA SER A 267 1.99 10.00 -5.27
C SER A 267 1.79 11.49 -4.92
N ASN A 268 2.24 12.43 -5.76
CA ASN A 268 2.10 13.86 -5.45
C ASN A 268 2.65 14.24 -4.04
N CYS A 269 3.86 13.75 -3.76
CA CYS A 269 4.56 14.02 -2.49
C CYS A 269 6.00 14.22 -2.89
N THR A 270 6.63 15.30 -2.42
CA THR A 270 8.01 15.57 -2.76
C THR A 270 8.94 14.59 -2.08
N ASN A 271 10.16 14.44 -2.61
CA ASN A 271 11.17 13.60 -1.96
C ASN A 271 11.46 14.16 -0.56
N GLU A 272 11.44 15.49 -0.43
CA GLU A 272 11.73 16.16 0.85
C GLU A 272 10.68 15.83 1.93
N LEU A 273 9.39 15.84 1.55
CA LEU A 273 8.36 15.50 2.56
C LEU A 273 8.35 14.01 2.86
N TYR A 274 8.70 13.18 1.85
CA TYR A 274 8.82 11.74 2.10
C TYR A 274 10.01 11.46 3.03
N MET A 275 11.13 12.19 2.85
N MET A 275 11.12 12.17 2.86
CA MET A 275 12.31 12.08 3.72
CA MET A 275 12.26 11.97 3.76
C MET A 275 11.89 12.41 5.16
C MET A 275 11.91 12.42 5.19
N MET A 276 11.05 13.43 5.32
CA MET A 276 10.53 13.87 6.63
C MET A 276 9.75 12.73 7.29
N MET A 277 8.85 12.06 6.54
CA MET A 277 8.10 10.91 7.07
C MET A 277 9.09 9.85 7.50
N ARG A 278 10.03 9.49 6.62
CA ARG A 278 11.01 8.45 6.95
C ARG A 278 11.85 8.80 8.18
N ASP A 279 12.20 10.08 8.34
CA ASP A 279 12.98 10.53 9.50
C ASP A 279 12.14 10.43 10.78
N CYS A 280 10.81 10.74 10.68
CA CYS A 280 9.91 10.52 11.83
C CYS A 280 9.88 9.02 12.21
N TRP A 281 10.07 8.14 11.21
CA TRP A 281 10.03 6.69 11.40
C TRP A 281 11.40 6.11 11.63
N HIS A 282 12.36 6.92 12.14
CA HIS A 282 13.66 6.34 12.43
C HIS A 282 13.50 5.21 13.45
N ALA A 283 14.21 4.09 13.24
CA ALA A 283 14.19 2.97 14.21
C ALA A 283 14.70 3.41 15.58
N VAL A 284 15.64 4.39 15.60
CA VAL A 284 16.22 4.83 16.87
C VAL A 284 15.51 6.11 17.34
N PRO A 285 14.72 6.05 18.45
CA PRO A 285 13.96 7.24 18.85
C PRO A 285 14.75 8.53 18.93
N SER A 286 16.00 8.47 19.48
CA SER A 286 16.81 9.69 19.66
C SER A 286 17.14 10.35 18.30
N GLN A 287 17.06 9.57 17.22
CA GLN A 287 17.47 10.09 15.91
C GLN A 287 16.32 10.73 15.13
N ARG A 288 15.09 10.59 15.63
CA ARG A 288 13.96 11.23 14.95
C ARG A 288 14.04 12.76 15.19
N PRO A 289 13.50 13.58 14.25
CA PRO A 289 13.43 15.03 14.52
C PRO A 289 12.49 15.31 15.70
N THR A 290 12.68 16.43 16.37
CA THR A 290 11.74 16.84 17.40
C THR A 290 10.61 17.64 16.75
N PHE A 291 9.53 17.91 17.49
CA PHE A 291 8.46 18.75 16.95
C PHE A 291 8.98 20.16 16.68
N LYS A 292 9.91 20.66 17.50
CA LYS A 292 10.50 21.99 17.27
C LYS A 292 11.16 22.02 15.87
N GLN A 293 11.91 20.95 15.54
N GLN A 293 11.94 20.98 15.53
CA GLN A 293 12.60 20.80 14.26
CA GLN A 293 12.58 20.95 14.22
C GLN A 293 11.62 20.70 13.10
C GLN A 293 11.54 20.81 13.11
N LEU A 294 10.54 19.93 13.31
CA LEU A 294 9.50 19.72 12.29
C LEU A 294 8.76 21.03 11.98
N VAL A 295 8.49 21.83 13.00
CA VAL A 295 7.84 23.15 12.80
C VAL A 295 8.72 24.05 11.94
N GLU A 296 10.02 24.13 12.28
CA GLU A 296 10.96 24.97 11.53
C GLU A 296 11.04 24.52 10.06
N ASP A 297 11.16 23.19 9.83
CA ASP A 297 11.29 22.65 8.48
C ASP A 297 9.99 22.89 7.70
N LEU A 298 8.83 22.64 8.35
CA LEU A 298 7.53 22.83 7.67
C LEU A 298 7.24 24.29 7.37
N ASP A 299 7.71 25.19 8.25
CA ASP A 299 7.55 26.64 7.99
C ASP A 299 8.31 27.01 6.70
N ARG A 300 9.58 26.53 6.57
CA ARG A 300 10.41 26.74 5.38
C ARG A 300 9.73 26.15 4.13
N ILE A 301 9.26 24.89 4.24
CA ILE A 301 8.63 24.19 3.11
C ILE A 301 7.33 24.89 2.65
N VAL A 302 6.48 25.34 3.59
CA VAL A 302 5.21 26.04 3.25
C VAL A 302 5.52 27.21 2.33
N ALA A 303 6.49 28.06 2.73
CA ALA A 303 6.91 29.26 1.99
C ALA A 303 7.41 28.98 0.58
N LEU A 304 7.95 27.78 0.34
CA LEU A 304 8.50 27.37 -0.96
C LEU A 304 7.54 26.51 -1.80
N THR A 305 6.38 26.15 -1.24
CA THR A 305 5.41 25.29 -1.93
C THR A 305 4.39 26.13 -2.68
N SER A 306 4.15 25.77 -3.96
CA SER A 306 3.19 26.49 -4.82
C SER A 306 1.74 26.21 -4.43
N ASN A 307 0.90 27.23 -4.58
CA ASN A 307 -0.55 27.11 -4.36
C ASN A 307 -1.26 26.99 -5.74
N GLN A 308 -0.47 26.94 -6.84
CA GLN A 308 -1.01 26.90 -8.22
C GLN A 308 -1.52 25.52 -8.68
N GLU A 309 -1.25 24.45 -7.89
CA GLU A 309 -1.75 23.09 -8.12
C GLU A 309 -1.82 22.27 -6.82
N SER B 5 3.91 -43.55 -22.54
CA SER B 5 5.22 -42.92 -22.39
C SER B 5 6.10 -43.61 -21.31
N GLU B 6 5.61 -44.76 -20.83
CA GLU B 6 6.26 -45.63 -19.82
C GLU B 6 7.66 -46.11 -20.25
N TYR B 7 7.80 -46.69 -21.50
CA TYR B 7 9.10 -47.18 -22.00
C TYR B 7 9.66 -46.30 -23.04
N GLU B 8 8.80 -45.64 -23.83
CA GLU B 8 9.28 -44.77 -24.89
C GLU B 8 8.29 -43.68 -25.23
N LEU B 9 8.80 -42.50 -25.57
CA LEU B 9 7.92 -41.39 -25.96
C LEU B 9 7.77 -41.40 -27.47
N PRO B 10 6.69 -40.79 -28.00
CA PRO B 10 6.61 -40.66 -29.46
C PRO B 10 7.73 -39.75 -30.01
N GLU B 11 8.16 -40.04 -31.24
CA GLU B 11 9.20 -39.28 -31.93
C GLU B 11 8.62 -38.07 -32.64
N ASP B 12 9.38 -36.97 -32.69
CA ASP B 12 9.01 -35.81 -33.48
C ASP B 12 10.29 -35.25 -34.10
N PRO B 13 10.60 -35.71 -35.32
CA PRO B 13 11.83 -35.24 -35.99
C PRO B 13 11.94 -33.74 -36.24
N ARG B 14 10.82 -32.99 -36.21
CA ARG B 14 10.86 -31.52 -36.40
C ARG B 14 11.66 -30.84 -35.29
N TRP B 15 11.65 -31.45 -34.09
CA TRP B 15 12.23 -30.85 -32.90
C TRP B 15 13.36 -31.61 -32.23
N GLU B 16 13.57 -32.88 -32.61
CA GLU B 16 14.57 -33.74 -31.97
C GLU B 16 15.99 -33.25 -32.13
N LEU B 17 16.70 -33.15 -31.00
CA LEU B 17 18.13 -32.83 -30.99
C LEU B 17 18.89 -34.05 -30.49
N PRO B 18 19.96 -34.54 -31.19
CA PRO B 18 20.72 -35.67 -30.63
C PRO B 18 21.34 -35.26 -29.30
N ARG B 19 21.30 -36.18 -28.31
CA ARG B 19 21.83 -35.95 -26.95
C ARG B 19 23.28 -35.52 -26.90
N ASP B 20 24.10 -36.02 -27.83
CA ASP B 20 25.53 -35.67 -27.86
C ASP B 20 25.77 -34.22 -28.34
N ARG B 21 24.72 -33.52 -28.80
CA ARG B 21 24.78 -32.11 -29.19
C ARG B 21 24.31 -31.17 -28.05
N LEU B 22 24.11 -31.71 -26.82
CA LEU B 22 23.66 -30.94 -25.64
C LEU B 22 24.58 -31.18 -24.43
N VAL B 23 25.23 -30.11 -23.93
CA VAL B 23 26.15 -30.21 -22.81
C VAL B 23 25.48 -29.57 -21.63
N LEU B 24 24.98 -30.39 -20.68
CA LEU B 24 24.26 -29.88 -19.50
C LEU B 24 25.17 -29.11 -18.53
N GLY B 25 24.63 -28.02 -18.01
CA GLY B 25 25.34 -27.12 -17.10
C GLY B 25 24.68 -26.90 -15.76
N LYS B 26 24.89 -25.71 -15.20
CA LYS B 26 24.45 -25.32 -13.86
C LYS B 26 22.93 -25.15 -13.71
N PRO B 27 22.38 -25.39 -12.49
CA PRO B 27 20.93 -25.18 -12.30
C PRO B 27 20.54 -23.72 -12.47
N LEU B 28 19.32 -23.49 -13.00
CA LEU B 28 18.74 -22.14 -13.16
C LEU B 28 17.54 -21.97 -12.26
N GLY B 29 16.74 -23.03 -12.13
CA GLY B 29 15.55 -23.03 -11.29
C GLY B 29 14.97 -24.40 -11.09
N GLU B 30 14.04 -24.53 -10.14
CA GLU B 30 13.35 -25.78 -9.86
C GLU B 30 11.95 -25.57 -9.32
N GLY B 31 11.07 -26.52 -9.61
CA GLY B 31 9.71 -26.58 -9.12
C GLY B 31 9.54 -27.81 -8.23
N ALA B 32 8.31 -28.21 -7.94
CA ALA B 32 8.09 -29.39 -7.11
C ALA B 32 8.60 -30.70 -7.75
N PHE B 33 8.40 -30.87 -9.09
CA PHE B 33 8.85 -32.11 -9.76
C PHE B 33 9.57 -31.90 -11.10
N GLY B 34 9.89 -30.64 -11.41
CA GLY B 34 10.66 -30.25 -12.61
C GLY B 34 11.85 -29.37 -12.22
N GLN B 35 12.88 -29.32 -13.08
CA GLN B 35 14.07 -28.51 -12.84
C GLN B 35 14.57 -28.00 -14.18
N VAL B 36 15.24 -26.86 -14.17
CA VAL B 36 15.78 -26.22 -15.36
C VAL B 36 17.27 -25.98 -15.16
N VAL B 37 18.06 -26.29 -16.18
CA VAL B 37 19.50 -26.10 -16.14
C VAL B 37 19.95 -25.29 -17.34
N LEU B 38 21.09 -24.62 -17.20
CA LEU B 38 21.70 -23.94 -18.31
C LEU B 38 22.39 -25.04 -19.10
N ALA B 39 22.44 -24.95 -20.43
CA ALA B 39 23.15 -25.91 -21.25
C ALA B 39 23.72 -25.24 -22.49
N GLU B 40 24.59 -25.94 -23.22
CA GLU B 40 25.14 -25.49 -24.49
C GLU B 40 24.69 -26.48 -25.54
N ALA B 41 23.96 -25.98 -26.54
CA ALA B 41 23.44 -26.78 -27.64
C ALA B 41 24.26 -26.45 -28.90
N ILE B 42 24.67 -27.47 -29.66
CA ILE B 42 25.46 -27.32 -30.89
C ILE B 42 24.58 -27.62 -32.10
N GLY B 43 24.51 -26.66 -33.03
CA GLY B 43 23.77 -26.80 -34.28
C GLY B 43 22.27 -26.90 -34.19
N LEU B 44 21.65 -25.92 -33.51
CA LEU B 44 20.20 -25.83 -33.37
C LEU B 44 19.52 -25.67 -34.73
N ASP B 45 20.15 -24.88 -35.62
CA ASP B 45 19.75 -24.63 -37.01
C ASP B 45 20.59 -25.51 -37.95
N LYS B 46 19.94 -26.22 -38.90
CA LYS B 46 20.59 -27.14 -39.85
C LYS B 46 21.72 -26.49 -40.69
N ASP B 47 21.53 -25.23 -41.11
CA ASP B 47 22.50 -24.49 -41.92
C ASP B 47 23.43 -23.59 -41.06
N LYS B 48 23.72 -24.08 -39.84
CA LYS B 48 24.63 -23.50 -38.83
C LYS B 48 24.94 -24.66 -37.83
N PRO B 49 25.60 -25.76 -38.29
CA PRO B 49 25.80 -26.93 -37.42
C PRO B 49 26.88 -26.87 -36.35
N ASN B 50 27.87 -25.98 -36.50
CA ASN B 50 29.01 -25.88 -35.58
C ASN B 50 28.82 -24.84 -34.47
N ARG B 51 27.83 -23.94 -34.65
CA ARG B 51 27.53 -22.89 -33.68
C ARG B 51 27.01 -23.45 -32.35
N VAL B 52 27.51 -22.91 -31.23
CA VAL B 52 27.07 -23.32 -29.89
C VAL B 52 26.22 -22.20 -29.31
N THR B 53 25.07 -22.57 -28.76
CA THR B 53 24.10 -21.62 -28.23
C THR B 53 23.82 -21.96 -26.78
N LYS B 54 23.85 -20.94 -25.90
CA LYS B 54 23.45 -21.14 -24.50
C LYS B 54 21.92 -21.24 -24.51
N VAL B 55 21.38 -22.31 -23.93
CA VAL B 55 19.95 -22.60 -23.86
C VAL B 55 19.56 -22.99 -22.44
N ALA B 56 18.26 -23.03 -22.15
CA ALA B 56 17.76 -23.52 -20.87
C ALA B 56 17.10 -24.89 -21.16
N VAL B 57 17.27 -25.86 -20.27
CA VAL B 57 16.72 -27.20 -20.48
C VAL B 57 15.84 -27.55 -19.29
N LYS B 58 14.55 -27.85 -19.55
CA LYS B 58 13.63 -28.30 -18.51
C LYS B 58 13.55 -29.82 -18.55
N MET B 59 13.60 -30.45 -17.39
CA MET B 59 13.54 -31.89 -17.30
C MET B 59 12.81 -32.25 -15.99
N LEU B 60 12.42 -33.50 -15.87
CA LEU B 60 11.82 -33.96 -14.60
C LEU B 60 12.88 -34.08 -13.52
N LYS B 61 12.42 -33.97 -12.27
CA LYS B 61 13.27 -34.28 -11.14
C LYS B 61 13.26 -35.83 -10.99
N SER B 62 14.18 -36.39 -10.20
CA SER B 62 14.30 -37.86 -10.00
C SER B 62 13.09 -38.47 -9.27
N ASP B 63 12.27 -37.64 -8.57
CA ASP B 63 11.13 -38.19 -7.85
C ASP B 63 9.84 -38.02 -8.61
N ALA B 64 9.93 -37.59 -9.88
CA ALA B 64 8.75 -37.36 -10.71
C ALA B 64 7.99 -38.63 -10.99
N THR B 65 6.66 -38.51 -11.21
CA THR B 65 5.75 -39.63 -11.50
C THR B 65 5.35 -39.57 -12.97
N GLU B 66 4.57 -40.58 -13.43
CA GLU B 66 4.02 -40.67 -14.79
C GLU B 66 3.18 -39.41 -15.08
N LYS B 67 2.44 -38.91 -14.06
CA LYS B 67 1.63 -37.68 -14.24
C LYS B 67 2.51 -36.47 -14.49
N ASP B 68 3.66 -36.34 -13.78
CA ASP B 68 4.60 -35.24 -14.01
C ASP B 68 5.17 -35.34 -15.42
N LEU B 69 5.45 -36.58 -15.90
CA LEU B 69 5.95 -36.70 -17.28
C LEU B 69 4.88 -36.24 -18.26
N SER B 70 3.62 -36.68 -18.05
CA SER B 70 2.50 -36.29 -18.88
C SER B 70 2.39 -34.75 -18.93
N ASP B 71 2.61 -34.08 -17.77
CA ASP B 71 2.54 -32.62 -17.67
C ASP B 71 3.63 -31.93 -18.47
N LEU B 72 4.87 -32.45 -18.38
CA LEU B 72 5.98 -31.88 -19.15
C LEU B 72 5.76 -32.05 -20.65
N ILE B 73 5.28 -33.23 -21.06
CA ILE B 73 4.99 -33.46 -22.49
C ILE B 73 3.91 -32.46 -22.97
N SER B 74 2.84 -32.31 -22.19
CA SER B 74 1.72 -31.40 -22.52
C SER B 74 2.26 -29.97 -22.72
N GLU B 75 3.19 -29.53 -21.84
CA GLU B 75 3.76 -28.19 -21.93
C GLU B 75 4.57 -28.01 -23.21
N MET B 76 5.43 -29.00 -23.53
CA MET B 76 6.21 -28.97 -24.77
C MET B 76 5.25 -28.94 -25.98
N GLU B 77 4.24 -29.82 -25.98
CA GLU B 77 3.28 -29.90 -27.11
C GLU B 77 2.53 -28.59 -27.30
N MET B 78 2.14 -27.94 -26.20
CA MET B 78 1.46 -26.63 -26.29
C MET B 78 2.40 -25.59 -26.89
N MET B 79 3.70 -25.59 -26.48
CA MET B 79 4.66 -24.65 -27.03
C MET B 79 4.86 -24.85 -28.54
N LYS B 80 4.85 -26.12 -29.03
CA LYS B 80 4.94 -26.38 -30.48
C LYS B 80 3.75 -25.71 -31.18
N MET B 81 2.55 -25.88 -30.64
CA MET B 81 1.31 -25.34 -31.25
C MET B 81 1.26 -23.82 -31.27
N ILE B 82 1.71 -23.19 -30.18
CA ILE B 82 1.68 -21.73 -30.04
C ILE B 82 2.60 -21.03 -31.04
N GLY B 83 3.74 -21.61 -31.35
CA GLY B 83 4.69 -20.99 -32.28
C GLY B 83 5.51 -19.90 -31.63
N LYS B 84 6.37 -19.26 -32.45
CA LYS B 84 7.36 -18.29 -31.99
C LYS B 84 6.95 -16.85 -31.92
N HIS B 85 7.49 -16.15 -30.89
CA HIS B 85 7.33 -14.71 -30.76
C HIS B 85 8.52 -14.17 -29.98
N LYS B 86 8.99 -12.97 -30.36
CA LYS B 86 10.13 -12.31 -29.71
C LYS B 86 9.94 -12.15 -28.18
N ASN B 87 8.70 -11.94 -27.73
CA ASN B 87 8.44 -11.63 -26.33
C ASN B 87 7.86 -12.80 -25.51
N ILE B 88 8.21 -14.04 -25.93
CA ILE B 88 7.91 -15.24 -25.16
C ILE B 88 9.19 -16.06 -25.12
N ILE B 89 9.31 -16.94 -24.12
CA ILE B 89 10.44 -17.88 -24.05
C ILE B 89 10.07 -18.98 -25.07
N ASN B 90 10.87 -19.10 -26.13
CA ASN B 90 10.55 -20.03 -27.21
C ASN B 90 11.13 -21.41 -27.08
N LEU B 91 10.39 -22.41 -27.61
CA LEU B 91 10.84 -23.80 -27.73
C LEU B 91 11.89 -23.85 -28.83
N LEU B 92 13.03 -24.51 -28.54
CA LEU B 92 14.13 -24.63 -29.49
C LEU B 92 14.39 -26.05 -29.96
N GLY B 93 14.01 -27.02 -29.15
CA GLY B 93 14.22 -28.43 -29.46
C GLY B 93 13.87 -29.32 -28.30
N ALA B 94 14.12 -30.62 -28.46
CA ALA B 94 13.85 -31.58 -27.38
C ALA B 94 14.68 -32.83 -27.57
N CYS B 95 15.01 -33.50 -26.45
CA CYS B 95 15.62 -34.82 -26.45
C CYS B 95 14.54 -35.71 -25.84
N THR B 96 13.88 -36.55 -26.64
CA THR B 96 12.74 -37.36 -26.17
C THR B 96 13.01 -38.87 -26.21
N GLN B 97 14.02 -39.28 -26.98
CA GLN B 97 14.34 -40.67 -27.21
C GLN B 97 15.52 -41.16 -26.38
N ASP B 98 15.49 -42.47 -26.01
CA ASP B 98 16.58 -43.17 -25.31
C ASP B 98 17.14 -42.37 -24.15
N GLY B 99 16.26 -41.97 -23.25
CA GLY B 99 16.68 -41.26 -22.05
C GLY B 99 15.66 -40.25 -21.58
N PRO B 100 16.01 -39.49 -20.52
CA PRO B 100 15.05 -38.52 -19.95
C PRO B 100 14.63 -37.43 -20.90
N LEU B 101 13.38 -36.98 -20.76
CA LEU B 101 12.85 -35.92 -21.60
C LEU B 101 13.52 -34.60 -21.24
N TYR B 102 14.13 -33.96 -22.25
CA TYR B 102 14.70 -32.63 -22.12
C TYR B 102 13.95 -31.69 -23.05
N VAL B 103 13.40 -30.60 -22.51
CA VAL B 103 12.68 -29.60 -23.30
C VAL B 103 13.58 -28.39 -23.36
N ILE B 104 14.08 -28.06 -24.57
CA ILE B 104 15.10 -27.04 -24.74
C ILE B 104 14.46 -25.74 -25.14
N VAL B 105 14.72 -24.67 -24.38
CA VAL B 105 14.07 -23.36 -24.58
C VAL B 105 15.11 -22.25 -24.54
N GLU B 106 14.70 -21.02 -24.91
CA GLU B 106 15.61 -19.88 -24.89
C GLU B 106 16.08 -19.56 -23.49
N TYR B 107 17.36 -19.16 -23.38
CA TYR B 107 17.97 -18.78 -22.13
C TYR B 107 17.83 -17.25 -21.92
N ALA B 108 17.43 -16.82 -20.73
CA ALA B 108 17.25 -15.38 -20.43
C ALA B 108 18.20 -15.06 -19.29
N SER B 109 19.41 -14.66 -19.65
CA SER B 109 20.53 -14.49 -18.72
C SER B 109 20.30 -13.56 -17.55
N LYS B 110 19.42 -12.56 -17.70
CA LYS B 110 19.21 -11.57 -16.63
C LYS B 110 18.12 -11.96 -15.64
N GLY B 111 17.53 -13.15 -15.78
CA GLY B 111 16.56 -13.69 -14.83
C GLY B 111 15.19 -13.05 -14.87
N ASN B 112 14.44 -13.15 -13.78
CA ASN B 112 13.07 -12.67 -13.78
C ASN B 112 12.96 -11.15 -13.65
N LEU B 113 11.84 -10.60 -14.14
CA LEU B 113 11.62 -9.15 -14.16
C LEU B 113 11.56 -8.51 -12.76
N ARG B 114 10.99 -9.22 -11.77
CA ARG B 114 10.90 -8.68 -10.40
C ARG B 114 12.32 -8.37 -9.90
N GLU B 115 13.22 -9.37 -9.96
CA GLU B 115 14.62 -9.20 -9.52
C GLU B 115 15.35 -8.16 -10.39
N TYR B 116 15.07 -8.13 -11.71
CA TYR B 116 15.68 -7.19 -12.66
C TYR B 116 15.39 -5.74 -12.26
N LEU B 117 14.12 -5.45 -11.91
CA LEU B 117 13.70 -4.12 -11.51
C LEU B 117 14.32 -3.74 -10.17
N GLN B 118 14.28 -4.66 -9.19
CA GLN B 118 14.79 -4.41 -7.83
C GLN B 118 16.27 -4.09 -7.82
N ALA B 119 17.06 -4.78 -8.66
CA ALA B 119 18.51 -4.58 -8.77
C ALA B 119 18.86 -3.28 -9.47
N ARG B 120 17.87 -2.60 -10.06
CA ARG B 120 18.09 -1.37 -10.79
C ARG B 120 17.43 -0.13 -10.17
N ARG B 121 16.94 -0.24 -8.93
CA ARG B 121 16.26 0.92 -8.34
C ARG B 121 17.35 1.90 -7.81
N PRO B 122 17.19 3.21 -8.10
CA PRO B 122 18.23 4.21 -7.76
C PRO B 122 18.67 4.29 -6.30
N PRO B 123 19.84 4.92 -5.99
CA PRO B 123 20.29 5.00 -4.58
C PRO B 123 19.40 5.85 -3.67
N GLU B 137 23.00 0.00 -14.45
CA GLU B 137 21.94 -0.28 -15.43
C GLU B 137 20.59 0.37 -15.05
N GLN B 138 20.60 1.60 -14.50
CA GLN B 138 19.39 2.33 -14.09
C GLN B 138 18.42 2.55 -15.26
N LEU B 139 17.15 2.22 -15.05
CA LEU B 139 16.11 2.34 -16.07
C LEU B 139 15.49 3.74 -16.10
N SER B 140 15.29 4.29 -17.33
CA SER B 140 14.62 5.56 -17.58
C SER B 140 13.09 5.33 -17.55
N SER B 141 12.30 6.42 -17.58
CA SER B 141 10.85 6.32 -17.63
C SER B 141 10.45 5.59 -18.92
N LYS B 142 11.16 5.88 -20.04
CA LYS B 142 10.89 5.22 -21.32
C LYS B 142 11.17 3.73 -21.25
N ASP B 143 12.29 3.31 -20.61
CA ASP B 143 12.63 1.89 -20.42
C ASP B 143 11.54 1.15 -19.64
N LEU B 144 10.94 1.79 -18.60
CA LEU B 144 9.87 1.14 -17.83
C LEU B 144 8.62 0.92 -18.69
N VAL B 145 8.21 1.96 -19.44
CA VAL B 145 7.03 1.81 -20.33
C VAL B 145 7.36 0.78 -21.44
N SER B 146 8.63 0.75 -21.91
CA SER B 146 9.07 -0.23 -22.92
C SER B 146 8.94 -1.64 -22.39
N CYS B 147 9.29 -1.84 -21.13
N CYS B 147 9.28 -1.87 -21.09
CA CYS B 147 9.16 -3.13 -20.48
CA CYS B 147 9.11 -3.18 -20.43
C CYS B 147 7.68 -3.56 -20.49
C CYS B 147 7.65 -3.58 -20.51
N ALA B 148 6.76 -2.66 -20.11
CA ALA B 148 5.31 -2.91 -20.11
C ALA B 148 4.82 -3.23 -21.55
N TYR B 149 5.28 -2.45 -22.54
CA TYR B 149 4.92 -2.68 -23.94
C TYR B 149 5.32 -4.10 -24.42
N GLN B 150 6.57 -4.51 -24.12
CA GLN B 150 7.06 -5.83 -24.53
C GLN B 150 6.27 -6.96 -23.91
N VAL B 151 5.95 -6.82 -22.60
CA VAL B 151 5.14 -7.84 -21.94
C VAL B 151 3.74 -7.88 -22.59
N ALA B 152 3.13 -6.70 -22.82
CA ALA B 152 1.80 -6.66 -23.46
C ALA B 152 1.84 -7.31 -24.84
N ARG B 153 2.96 -7.12 -25.58
CA ARG B 153 3.12 -7.66 -26.94
C ARG B 153 3.20 -9.19 -26.91
N GLY B 154 3.93 -9.73 -25.92
CA GLY B 154 4.01 -11.17 -25.73
C GLY B 154 2.66 -11.76 -25.37
N MET B 155 1.94 -11.08 -24.48
CA MET B 155 0.59 -11.50 -24.08
C MET B 155 -0.41 -11.41 -25.23
N GLU B 156 -0.31 -10.36 -26.06
CA GLU B 156 -1.19 -10.20 -27.23
C GLU B 156 -0.98 -11.40 -28.17
N TYR B 157 0.29 -11.80 -28.35
CA TYR B 157 0.61 -12.96 -29.18
C TYR B 157 0.02 -14.22 -28.60
N LEU B 158 0.27 -14.47 -27.30
CA LEU B 158 -0.26 -15.67 -26.65
C LEU B 158 -1.78 -15.73 -26.72
N ALA B 159 -2.44 -14.60 -26.43
CA ALA B 159 -3.91 -14.52 -26.51
C ALA B 159 -4.40 -14.86 -27.94
N SER B 160 -3.70 -14.35 -28.97
CA SER B 160 -4.05 -14.64 -30.38
C SER B 160 -3.94 -16.15 -30.70
N LYS B 161 -3.08 -16.85 -29.95
CA LYS B 161 -2.87 -18.29 -30.09
C LYS B 161 -3.68 -19.10 -29.06
N LYS B 162 -4.69 -18.48 -28.46
CA LYS B 162 -5.66 -19.11 -27.54
C LYS B 162 -5.06 -19.55 -26.20
N CYS B 163 -3.95 -18.91 -25.80
CA CYS B 163 -3.23 -19.25 -24.56
C CYS B 163 -3.61 -18.29 -23.44
N ILE B 164 -4.11 -18.84 -22.32
CA ILE B 164 -4.44 -18.08 -21.11
C ILE B 164 -3.33 -18.42 -20.13
N HIS B 165 -2.57 -17.42 -19.70
CA HIS B 165 -1.41 -17.65 -18.85
C HIS B 165 -1.82 -18.16 -17.45
N ARG B 166 -2.75 -17.42 -16.78
CA ARG B 166 -3.30 -17.71 -15.44
C ARG B 166 -2.38 -17.32 -14.28
N ASP B 167 -1.09 -17.01 -14.53
CA ASP B 167 -0.21 -16.53 -13.46
C ASP B 167 0.72 -15.46 -13.99
N LEU B 168 0.16 -14.48 -14.72
CA LEU B 168 0.99 -13.41 -15.25
C LEU B 168 1.40 -12.49 -14.07
N ALA B 169 2.69 -12.32 -13.93
CA ALA B 169 3.32 -11.56 -12.84
C ALA B 169 4.76 -11.34 -13.24
N ALA B 170 5.43 -10.34 -12.66
CA ALA B 170 6.83 -10.06 -13.02
C ALA B 170 7.74 -11.27 -12.78
N ARG B 171 7.41 -12.12 -11.79
CA ARG B 171 8.20 -13.34 -11.50
C ARG B 171 8.18 -14.31 -12.71
N ASN B 172 7.13 -14.23 -13.56
CA ASN B 172 6.98 -15.11 -14.71
C ASN B 172 7.35 -14.45 -16.03
N VAL B 173 8.10 -13.34 -15.95
CA VAL B 173 8.65 -12.68 -17.14
C VAL B 173 10.14 -12.78 -16.95
N LEU B 174 10.86 -13.24 -17.99
CA LEU B 174 12.31 -13.34 -17.93
C LEU B 174 12.94 -12.31 -18.83
N VAL B 175 14.18 -11.92 -18.52
CA VAL B 175 14.86 -10.88 -19.28
C VAL B 175 16.14 -11.43 -19.88
N THR B 176 16.33 -11.23 -21.19
CA THR B 176 17.53 -11.75 -21.85
C THR B 176 18.72 -10.81 -21.66
N GLU B 177 19.89 -11.25 -22.14
CA GLU B 177 21.14 -10.48 -22.12
C GLU B 177 20.98 -9.12 -22.84
N ASP B 178 20.09 -9.05 -23.85
CA ASP B 178 19.82 -7.83 -24.60
C ASP B 178 18.58 -7.07 -24.11
N ASN B 179 18.15 -7.35 -22.85
CA ASN B 179 17.04 -6.69 -22.17
C ASN B 179 15.68 -6.91 -22.84
N VAL B 180 15.50 -8.04 -23.52
CA VAL B 180 14.21 -8.38 -24.14
C VAL B 180 13.35 -9.07 -23.09
N MET B 181 12.08 -8.63 -22.92
CA MET B 181 11.14 -9.22 -21.97
C MET B 181 10.53 -10.44 -22.64
N LYS B 182 10.53 -11.58 -21.92
CA LYS B 182 9.99 -12.83 -22.48
C LYS B 182 9.08 -13.51 -21.47
N ILE B 183 7.81 -13.69 -21.84
CA ILE B 183 6.85 -14.39 -20.97
C ILE B 183 7.30 -15.84 -20.83
N ALA B 184 7.35 -16.31 -19.59
CA ALA B 184 7.75 -17.68 -19.26
C ALA B 184 6.54 -18.47 -18.78
N ASP B 185 6.66 -19.83 -18.85
CA ASP B 185 5.72 -20.76 -18.24
C ASP B 185 4.27 -20.57 -18.68
N PHE B 186 4.07 -20.17 -19.92
CA PHE B 186 2.72 -19.96 -20.44
C PHE B 186 2.02 -21.27 -20.81
N GLY B 187 2.76 -22.37 -20.88
CA GLY B 187 2.24 -23.68 -21.25
C GLY B 187 2.07 -24.68 -20.13
N LEU B 188 2.16 -24.27 -18.86
CA LEU B 188 2.03 -25.18 -17.71
C LEU B 188 0.68 -25.90 -17.63
N ALA B 189 0.70 -27.21 -17.29
CA ALA B 189 -0.53 -28.00 -17.15
C ALA B 189 -1.34 -27.43 -15.98
N ARG B 190 -2.65 -27.15 -16.23
CA ARG B 190 -3.57 -26.56 -15.26
C ARG B 190 -3.81 -27.47 -14.05
N HIS B 193 -8.59 -26.25 -9.39
CA HIS B 193 -9.23 -27.40 -8.76
C HIS B 193 -8.62 -27.70 -7.39
N HIS B 194 -7.28 -27.57 -7.29
CA HIS B 194 -6.51 -27.80 -6.07
C HIS B 194 -5.48 -26.68 -5.83
N ILE B 195 -5.81 -25.45 -6.28
CA ILE B 195 -4.95 -24.27 -6.11
C ILE B 195 -4.97 -23.82 -4.64
N ASP B 196 -3.82 -23.95 -3.96
CA ASP B 196 -3.73 -23.57 -2.56
C ASP B 196 -3.52 -22.06 -2.52
N TYR B 197 -4.55 -21.31 -2.07
CA TYR B 197 -4.47 -19.85 -2.00
C TYR B 197 -3.43 -19.39 -0.99
N TYR B 198 -3.04 -20.27 -0.06
CA TYR B 198 -2.12 -19.96 1.02
C TYR B 198 -0.66 -20.23 0.68
N LYS B 199 -0.39 -20.94 -0.43
CA LYS B 199 0.97 -21.27 -0.85
C LYS B 199 1.71 -20.01 -1.32
N LYS B 200 2.89 -19.78 -0.75
CA LYS B 200 3.70 -18.61 -1.08
C LYS B 200 4.72 -18.93 -2.16
N THR B 201 5.18 -17.91 -2.89
CA THR B 201 6.21 -18.07 -3.92
C THR B 201 7.56 -18.22 -3.22
N THR B 202 8.63 -18.52 -4.01
CA THR B 202 10.01 -18.64 -3.50
C THR B 202 10.42 -17.39 -2.69
N ASN B 203 10.00 -16.20 -3.14
CA ASN B 203 10.29 -14.90 -2.53
C ASN B 203 9.34 -14.52 -1.35
N GLY B 204 8.41 -15.40 -0.98
CA GLY B 204 7.48 -15.21 0.14
C GLY B 204 6.22 -14.40 -0.12
N ARG B 205 5.81 -14.27 -1.37
CA ARG B 205 4.59 -13.50 -1.70
C ARG B 205 3.42 -14.43 -2.04
N LEU B 206 2.20 -13.90 -2.02
CA LEU B 206 1.00 -14.69 -2.34
C LEU B 206 0.50 -14.46 -3.78
N PRO B 207 0.58 -15.47 -4.70
CA PRO B 207 0.11 -15.29 -6.09
C PRO B 207 -1.35 -14.87 -6.25
N VAL B 208 -2.21 -15.12 -5.24
CA VAL B 208 -3.61 -14.70 -5.29
C VAL B 208 -3.72 -13.18 -5.50
N LYS B 209 -2.64 -12.42 -5.11
CA LYS B 209 -2.64 -10.96 -5.23
C LYS B 209 -2.58 -10.48 -6.69
N TRP B 210 -2.39 -11.40 -7.67
CA TRP B 210 -2.37 -11.07 -9.08
C TRP B 210 -3.63 -11.59 -9.78
N MET B 211 -4.51 -12.33 -9.07
CA MET B 211 -5.69 -12.96 -9.68
C MET B 211 -6.89 -12.05 -9.83
N ALA B 212 -7.54 -12.10 -11.01
CA ALA B 212 -8.78 -11.31 -11.16
C ALA B 212 -9.83 -11.87 -10.19
N PRO B 213 -10.78 -11.03 -9.71
CA PRO B 213 -11.83 -11.52 -8.79
C PRO B 213 -12.64 -12.66 -9.38
N GLU B 214 -12.97 -12.62 -10.70
CA GLU B 214 -13.76 -13.70 -11.28
C GLU B 214 -12.95 -15.02 -11.34
N ALA B 215 -11.62 -14.94 -11.44
CA ALA B 215 -10.78 -16.13 -11.43
C ALA B 215 -10.70 -16.66 -9.98
N LEU B 216 -10.49 -15.76 -9.03
CA LEU B 216 -10.35 -16.09 -7.61
C LEU B 216 -11.66 -16.64 -7.01
N PHE B 217 -12.76 -15.89 -7.15
CA PHE B 217 -14.05 -16.27 -6.56
C PHE B 217 -14.89 -17.24 -7.38
N ASP B 218 -14.84 -17.14 -8.72
CA ASP B 218 -15.71 -17.95 -9.60
C ASP B 218 -14.98 -18.96 -10.50
N ARG B 219 -13.64 -19.04 -10.39
CA ARG B 219 -12.79 -19.94 -11.18
C ARG B 219 -12.99 -19.76 -12.71
N ILE B 220 -13.20 -18.51 -13.11
CA ILE B 220 -13.35 -18.14 -14.51
C ILE B 220 -12.03 -17.51 -14.99
N TYR B 221 -11.30 -18.23 -15.82
CA TYR B 221 -10.02 -17.77 -16.38
C TYR B 221 -10.20 -17.48 -17.87
N THR B 222 -9.86 -16.25 -18.26
CA THR B 222 -10.02 -15.77 -19.64
C THR B 222 -8.83 -14.89 -19.99
N HIS B 223 -8.79 -14.39 -21.26
CA HIS B 223 -7.77 -13.41 -21.61
C HIS B 223 -7.99 -12.15 -20.76
N GLN B 224 -9.25 -11.81 -20.47
CA GLN B 224 -9.52 -10.61 -19.65
C GLN B 224 -9.09 -10.78 -18.17
N SER B 225 -9.07 -12.03 -17.60
CA SER B 225 -8.51 -12.21 -16.25
C SER B 225 -6.97 -12.05 -16.28
N ASP B 226 -6.33 -12.40 -17.42
CA ASP B 226 -4.90 -12.15 -17.59
C ASP B 226 -4.66 -10.63 -17.67
N VAL B 227 -5.60 -9.87 -18.26
CA VAL B 227 -5.47 -8.39 -18.32
C VAL B 227 -5.44 -7.81 -16.91
N TRP B 228 -6.30 -8.34 -16.02
CA TRP B 228 -6.27 -7.88 -14.61
C TRP B 228 -4.85 -8.11 -14.04
N SER B 229 -4.31 -9.33 -14.25
CA SER B 229 -2.96 -9.66 -13.76
C SER B 229 -1.93 -8.70 -14.36
N PHE B 230 -2.09 -8.34 -15.65
CA PHE B 230 -1.19 -7.42 -16.33
C PHE B 230 -1.24 -6.05 -15.62
N GLY B 231 -2.42 -5.64 -15.14
CA GLY B 231 -2.52 -4.39 -14.36
C GLY B 231 -1.64 -4.44 -13.10
N VAL B 232 -1.63 -5.60 -12.41
CA VAL B 232 -0.78 -5.78 -11.21
C VAL B 232 0.69 -5.74 -11.66
N LEU B 233 0.99 -6.41 -12.79
CA LEU B 233 2.34 -6.40 -13.35
C LEU B 233 2.80 -4.96 -13.69
N LEU B 234 1.90 -4.10 -14.27
CA LEU B 234 2.23 -2.68 -14.51
C LEU B 234 2.60 -2.00 -13.18
N TRP B 235 1.82 -2.27 -12.13
CA TRP B 235 2.10 -1.73 -10.80
C TRP B 235 3.49 -2.18 -10.29
N GLU B 236 3.85 -3.47 -10.52
CA GLU B 236 5.18 -3.99 -10.16
C GLU B 236 6.24 -3.23 -10.93
N ILE B 237 6.01 -2.97 -12.24
CA ILE B 237 7.01 -2.25 -13.02
C ILE B 237 7.23 -0.85 -12.48
N PHE B 238 6.14 -0.07 -12.29
CA PHE B 238 6.29 1.34 -11.88
C PHE B 238 6.68 1.51 -10.39
N THR B 239 6.63 0.44 -9.61
CA THR B 239 7.13 0.44 -8.23
C THR B 239 8.57 -0.16 -8.16
N LEU B 240 9.16 -0.48 -9.33
CA LEU B 240 10.50 -1.09 -9.45
C LEU B 240 10.61 -2.42 -8.67
N GLY B 241 9.60 -3.25 -8.85
CA GLY B 241 9.54 -4.56 -8.21
C GLY B 241 8.93 -4.55 -6.83
N GLY B 242 7.96 -3.66 -6.61
CA GLY B 242 7.25 -3.58 -5.34
C GLY B 242 6.38 -4.79 -5.09
N SER B 243 6.12 -5.06 -3.80
CA SER B 243 5.29 -6.16 -3.37
C SER B 243 3.82 -5.72 -3.20
N PRO B 244 2.86 -6.25 -3.98
CA PRO B 244 1.46 -5.83 -3.82
C PRO B 244 0.92 -6.22 -2.44
N TYR B 245 0.18 -5.31 -1.78
CA TYR B 245 -0.46 -5.57 -0.49
C TYR B 245 0.45 -6.25 0.54
N PRO B 246 1.60 -5.64 0.88
CA PRO B 246 2.49 -6.29 1.85
C PRO B 246 1.83 -6.49 3.22
N GLY B 247 1.99 -7.68 3.80
CA GLY B 247 1.41 -8.04 5.09
C GLY B 247 -0.06 -8.42 5.07
N VAL B 248 -0.69 -8.44 3.88
CA VAL B 248 -2.11 -8.77 3.73
C VAL B 248 -2.29 -10.31 3.53
N PRO B 249 -2.93 -11.02 4.48
CA PRO B 249 -3.17 -12.45 4.28
C PRO B 249 -4.34 -12.70 3.35
N VAL B 250 -4.47 -13.95 2.90
CA VAL B 250 -5.52 -14.39 1.96
C VAL B 250 -6.92 -13.88 2.31
N GLU B 251 -7.39 -14.15 3.54
CA GLU B 251 -8.74 -13.76 3.95
C GLU B 251 -8.97 -12.27 3.90
N GLU B 252 -7.93 -11.47 4.21
CA GLU B 252 -8.06 -10.00 4.17
C GLU B 252 -8.03 -9.52 2.73
N LEU B 253 -7.27 -10.20 1.85
CA LEU B 253 -7.27 -9.82 0.43
C LEU B 253 -8.71 -10.02 -0.13
N PHE B 254 -9.35 -11.16 0.17
CA PHE B 254 -10.75 -11.42 -0.26
C PHE B 254 -11.66 -10.26 0.15
N LYS B 255 -11.54 -9.78 1.41
CA LYS B 255 -12.34 -8.66 1.92
C LYS B 255 -12.05 -7.38 1.13
N LEU B 256 -10.75 -7.09 0.84
CA LEU B 256 -10.39 -5.90 0.06
C LEU B 256 -11.02 -5.96 -1.33
N LEU B 257 -10.96 -7.12 -2.01
CA LEU B 257 -11.55 -7.28 -3.35
C LEU B 257 -13.06 -7.11 -3.30
N LYS B 258 -13.73 -7.67 -2.29
CA LYS B 258 -15.18 -7.52 -2.13
C LYS B 258 -15.60 -6.07 -1.93
N GLU B 259 -14.75 -5.26 -1.27
CA GLU B 259 -14.98 -3.83 -1.02
C GLU B 259 -14.65 -2.95 -2.23
N GLY B 260 -14.12 -3.55 -3.30
CA GLY B 260 -13.72 -2.81 -4.49
C GLY B 260 -12.44 -2.02 -4.28
N HIS B 261 -11.62 -2.42 -3.28
CA HIS B 261 -10.35 -1.76 -3.01
C HIS B 261 -9.44 -1.85 -4.22
N ARG B 262 -8.73 -0.75 -4.50
CA ARG B 262 -7.74 -0.69 -5.58
C ARG B 262 -6.51 -0.01 -5.02
N MET B 263 -5.35 -0.48 -5.43
CA MET B 263 -4.12 0.13 -4.94
C MET B 263 -4.05 1.58 -5.40
N ASP B 264 -3.50 2.46 -4.56
CA ASP B 264 -3.32 3.86 -4.90
C ASP B 264 -2.19 3.94 -5.91
N LYS B 265 -2.09 5.07 -6.61
CA LYS B 265 -1.08 5.32 -7.60
C LYS B 265 0.34 5.26 -7.04
N PRO B 266 1.29 4.52 -7.66
CA PRO B 266 2.68 4.58 -7.19
C PRO B 266 3.22 6.00 -7.43
N SER B 267 4.26 6.39 -6.69
CA SER B 267 4.93 7.67 -6.94
C SER B 267 5.67 7.50 -8.28
N ASN B 268 6.04 8.59 -8.97
CA ASN B 268 6.72 8.49 -10.28
C ASN B 268 5.93 7.60 -11.29
N CYS B 269 4.61 7.81 -11.36
CA CYS B 269 3.72 7.11 -12.29
C CYS B 269 2.74 8.14 -12.78
N THR B 270 2.55 8.22 -14.10
CA THR B 270 1.65 9.25 -14.64
C THR B 270 0.21 8.90 -14.33
N ASN B 271 -0.68 9.90 -14.36
CA ASN B 271 -2.12 9.67 -14.20
C ASN B 271 -2.60 8.69 -15.28
N GLU B 272 -2.03 8.82 -16.50
CA GLU B 272 -2.41 7.99 -17.65
C GLU B 272 -2.06 6.50 -17.43
N LEU B 273 -0.87 6.22 -16.92
CA LEU B 273 -0.49 4.82 -16.67
C LEU B 273 -1.25 4.27 -15.47
N TYR B 274 -1.59 5.13 -14.49
CA TYR B 274 -2.39 4.67 -13.37
C TYR B 274 -3.84 4.38 -13.85
N MET B 275 -4.39 5.20 -14.77
CA MET B 275 -5.74 4.95 -15.31
C MET B 275 -5.72 3.60 -16.06
N MET B 276 -4.59 3.30 -16.74
CA MET B 276 -4.42 2.00 -17.44
C MET B 276 -4.49 0.86 -16.42
N MET B 277 -3.78 0.97 -15.28
CA MET B 277 -3.84 -0.06 -14.23
C MET B 277 -5.28 -0.18 -13.77
N ARG B 278 -5.93 0.97 -13.43
CA ARG B 278 -7.32 0.95 -12.95
C ARG B 278 -8.26 0.34 -13.97
N ASP B 279 -8.04 0.60 -15.27
CA ASP B 279 -8.86 0.04 -16.35
C ASP B 279 -8.66 -1.46 -16.44
N CYS B 280 -7.40 -1.94 -16.27
CA CYS B 280 -7.13 -3.39 -16.21
C CYS B 280 -7.86 -4.01 -15.04
N TRP B 281 -8.10 -3.21 -13.96
CA TRP B 281 -8.77 -3.68 -12.76
C TRP B 281 -10.28 -3.36 -12.75
N HIS B 282 -10.90 -3.17 -13.93
CA HIS B 282 -12.34 -2.98 -13.99
C HIS B 282 -12.99 -4.21 -13.38
N ALA B 283 -14.02 -4.00 -12.53
CA ALA B 283 -14.79 -5.10 -11.94
C ALA B 283 -15.46 -5.95 -13.03
N VAL B 284 -15.84 -5.33 -14.16
CA VAL B 284 -16.49 -6.01 -15.28
C VAL B 284 -15.43 -6.44 -16.32
N PRO B 285 -15.22 -7.74 -16.50
CA PRO B 285 -14.17 -8.19 -17.44
C PRO B 285 -14.26 -7.62 -18.84
N SER B 286 -15.47 -7.49 -19.42
CA SER B 286 -15.66 -6.95 -20.77
C SER B 286 -15.31 -5.45 -20.84
N GLN B 287 -15.24 -4.77 -19.68
CA GLN B 287 -14.94 -3.34 -19.62
C GLN B 287 -13.45 -3.06 -19.52
N ARG B 288 -12.64 -4.11 -19.34
CA ARG B 288 -11.18 -3.96 -19.29
C ARG B 288 -10.66 -3.84 -20.74
N PRO B 289 -9.51 -3.21 -20.94
CA PRO B 289 -8.92 -3.22 -22.28
C PRO B 289 -8.48 -4.62 -22.66
N THR B 290 -8.38 -4.89 -23.94
CA THR B 290 -7.83 -6.17 -24.40
C THR B 290 -6.31 -6.00 -24.51
N PHE B 291 -5.57 -7.11 -24.71
CA PHE B 291 -4.13 -6.97 -24.90
C PHE B 291 -3.83 -6.21 -26.20
N LYS B 292 -4.67 -6.38 -27.24
CA LYS B 292 -4.52 -5.63 -28.49
C LYS B 292 -4.56 -4.11 -28.18
N GLN B 293 -5.53 -3.66 -27.34
CA GLN B 293 -5.70 -2.24 -26.98
C GLN B 293 -4.54 -1.76 -26.14
N LEU B 294 -4.07 -2.62 -25.22
CA LEU B 294 -2.93 -2.29 -24.34
C LEU B 294 -1.65 -2.10 -25.12
N VAL B 295 -1.41 -2.94 -26.12
CA VAL B 295 -0.24 -2.83 -27.01
C VAL B 295 -0.28 -1.50 -27.75
N GLU B 296 -1.45 -1.16 -28.35
CA GLU B 296 -1.62 0.10 -29.08
C GLU B 296 -1.37 1.30 -28.16
N ASP B 297 -1.98 1.31 -26.97
CA ASP B 297 -1.84 2.40 -26.01
C ASP B 297 -0.40 2.51 -25.52
N LEU B 298 0.24 1.36 -25.20
CA LEU B 298 1.62 1.39 -24.72
C LEU B 298 2.61 1.80 -25.80
N ASP B 299 2.33 1.42 -27.06
CA ASP B 299 3.15 1.86 -28.19
C ASP B 299 3.15 3.40 -28.26
N ARG B 300 1.93 4.01 -28.19
CA ARG B 300 1.75 5.47 -28.20
C ARG B 300 2.47 6.10 -26.99
N ILE B 301 2.29 5.53 -25.77
CA ILE B 301 2.88 6.09 -24.56
C ILE B 301 4.42 6.04 -24.61
N VAL B 302 5.01 4.92 -25.09
CA VAL B 302 6.48 4.77 -25.20
C VAL B 302 7.05 5.95 -26.00
N ALA B 303 6.45 6.23 -27.19
CA ALA B 303 6.87 7.29 -28.10
C ALA B 303 6.82 8.70 -27.49
N LEU B 304 5.94 8.90 -26.50
CA LEU B 304 5.74 10.19 -25.83
C LEU B 304 6.48 10.31 -24.48
N THR B 305 7.09 9.20 -24.00
CA THR B 305 7.81 9.18 -22.73
C THR B 305 9.30 9.51 -22.91
N SER B 306 9.82 10.43 -22.08
CA SER B 306 11.22 10.84 -22.12
C SER B 306 12.18 9.77 -21.59
N ASN B 307 13.37 9.68 -22.19
CA ASN B 307 14.44 8.78 -21.75
C ASN B 307 15.49 9.59 -20.95
N GLN B 308 15.25 10.91 -20.75
CA GLN B 308 16.17 11.83 -20.07
C GLN B 308 16.18 11.71 -18.53
N GLU B 309 15.21 10.97 -17.95
CA GLU B 309 15.11 10.71 -16.50
C GLU B 309 14.35 9.40 -16.21
S SO4 C . 11.71 22.76 33.15
O1 SO4 C . 10.80 22.21 34.16
O2 SO4 C . 11.03 22.67 31.84
O3 SO4 C . 12.96 21.97 33.13
O4 SO4 C . 12.05 24.14 33.47
S SO4 D . -9.80 6.62 11.18
O1 SO4 D . -10.51 7.93 11.14
O2 SO4 D . -10.27 5.88 9.97
O3 SO4 D . -8.37 6.70 11.15
O4 SO4 D . -10.24 6.00 12.41
C1 5SF E . -12.67 12.70 18.49
C2 5SF E . -12.47 11.20 18.48
C3 5SF E . -13.35 14.56 19.98
C7 5SF E . -15.12 19.50 19.40
C8 5SF E . -15.83 19.04 18.28
C9 5SF E . -16.05 17.66 18.13
C10 5SF E . -15.63 16.77 19.14
C11 5SF E . -17.00 18.05 16.08
C12 5SF E . -16.79 19.42 16.23
C13 5SF E . -17.66 17.50 14.86
C14 5SF E . -17.91 18.16 13.65
C15 5SF E . -18.02 16.20 14.62
C16 5SF E . -18.93 14.92 12.66
C19 5SF E . -13.15 17.27 24.59
C20 5SF E . -11.85 17.62 24.29
C21 5SF E . -11.39 17.57 22.99
C22 5SF E . -12.24 17.19 21.95
C24 5SF E . -12.87 17.51 26.96
O1 5SF E . -13.70 17.26 25.84
C18 5SF E . -14.03 16.91 23.57
O 5SF E . -10.12 17.87 22.57
C23 5SF E . -9.20 18.42 23.50
C17 5SF E . -13.56 16.84 22.25
N1 5SF E . -14.39 16.35 21.22
C4 5SF E . -14.38 14.89 21.04
N 5SF E . -13.21 13.11 19.80
C 5SF E . -11.41 13.45 18.16
C5 5SF E . -14.93 17.25 20.25
N2 5SF E . -16.65 17.16 17.00
N5 5SF E . -18.45 16.11 13.36
N4 5SF E . -18.39 17.33 12.73
N3 5SF E . -16.23 19.93 17.31
C6 5SF E . -14.68 18.63 20.36
H3 5SF E . -13.41 12.96 17.72
H4 5SF E . -12.37 10.82 17.46
H5 5SF E . -13.27 10.65 18.95
H6 5SF E . -11.55 10.92 18.98
H9 5SF E . -13.56 15.07 19.04
H8 5SF E . -12.39 14.96 20.27
H13 5SF E . -14.92 20.57 19.47
H14 5SF E . -15.86 15.72 19.01
H15 5SF E . -17.13 20.15 15.52
H16 5SF E . -17.75 19.21 13.45
H17 5SF E . -18.02 15.37 15.31
H19 5SF E . -19.06 15.10 11.59
H20 5SF E . -19.89 14.60 13.06
H18 5SF E . -18.24 14.09 12.77
H22 5SF E . -11.19 17.96 25.10
H23 5SF E . -11.89 17.20 20.92
H28 5SF E . -12.55 18.55 26.92
H27 5SF E . -13.33 17.36 27.94
H29 5SF E . -12.01 16.86 26.92
H21 5SF E . -15.07 16.69 23.81
H24 5SF E . -9.50 19.45 23.66
H25 5SF E . -8.25 18.42 22.97
H26 5SF E . -9.05 17.93 24.45
H11 5SF E . -15.37 14.50 20.79
H10 5SF E . -14.13 14.39 21.98
H7 5SF E . -14.03 12.58 20.08
H 5SF E . -11.63 14.44 17.77
H2 5SF E . -10.83 12.93 17.40
H1 5SF E . -10.76 13.57 19.02
H12 5SF E . -14.17 19.05 21.21
S SO4 F . 7.71 -12.79 -6.47
O1 SO4 F . 6.64 -12.04 -7.01
O2 SO4 F . 7.28 -14.14 -6.19
O3 SO4 F . 8.18 -12.13 -5.25
O4 SO4 F . 8.86 -12.92 -7.39
C1 5SF G . 10.22 -19.36 -13.68
C2 5SF G . 9.53 -18.29 -14.50
C3 5SF G . 10.96 -20.56 -15.70
C7 5SF G . 14.85 -19.96 -19.20
C8 5SF G . 15.61 -19.41 -18.15
C9 5SF G . 15.25 -19.68 -16.82
C10 5SF G . 14.15 -20.53 -16.56
C11 5SF G . 16.98 -18.36 -16.09
C12 5SF G . 17.34 -18.11 -17.42
C13 5SF G . 17.71 -17.72 -14.97
C14 5SF G . 18.64 -16.66 -15.04
C15 5SF G . 17.55 -17.94 -13.62
C16 5SF G . 18.52 -16.93 -11.52
C19 5SF G . 10.43 -23.91 -19.88
C20 5SF G . 9.59 -22.98 -20.48
C21 5SF G . 9.65 -21.66 -20.06
C22 5SF G . 10.52 -21.26 -19.08
C24 5SF G . 9.47 -25.77 -21.10
O1 5SF G . 10.43 -25.26 -20.16
C18 5SF G . 11.33 -23.53 -18.89
O 5SF G . 8.90 -20.63 -20.60
C23 5SF G . 8.05 -20.90 -21.70
C17 5SF G . 11.37 -22.21 -18.47
N1 5SF G . 12.19 -21.80 -17.38
C4 5SF G . 11.62 -21.90 -16.04
N 5SF G . 10.25 -20.64 -14.42
C 5SF G . 9.50 -19.59 -12.36
C5 5SF G . 13.40 -21.07 -17.63
N2 5SF G . 15.95 -19.13 -15.78
N5 5SF G . 18.33 -17.07 -12.97
N4 5SF G . 19.02 -16.26 -13.86
N3 5SF G . 16.69 -18.62 -18.44
C6 5SF G . 13.78 -20.77 -18.94
H3 5SF G . 11.23 -19.03 -13.46
H4 5SF G . 10.17 -17.88 -15.28
H5 5SF G . 9.21 -17.45 -13.89
H6 5SF G . 8.64 -18.66 -14.99
H9 5SF G . 11.68 -19.76 -15.76
H8 5SF G . 10.21 -20.32 -16.47
H13 5SF G . 15.14 -19.73 -20.22
H14 5SF G . 13.93 -20.74 -15.51
H15 5SF G . 18.22 -17.52 -17.68
H16 5SF G . 19.03 -16.22 -15.96
H17 5SF G . 16.94 -18.68 -13.10
H19 5SF G . 19.28 -16.20 -11.28
H20 5SF G . 18.82 -17.89 -11.09
H18 5SF G . 17.59 -16.63 -11.05
H22 5SF G . 8.93 -23.28 -21.29
H23 5SF G . 10.58 -20.21 -18.77
H28 5SF G . 9.57 -26.85 -21.04
H27 5SF G . 8.42 -25.54 -20.92
H29 5SF G . 9.73 -25.42 -22.09
H21 5SF G . 12.00 -24.28 -18.47
H24 5SF G . 8.71 -20.99 -22.57
H25 5SF G . 7.45 -19.99 -21.80
H26 5SF G . 7.39 -21.75 -21.69
H11 5SF G . 12.36 -22.19 -15.29
H10 5SF G . 10.89 -22.71 -16.03
H7 5SF G . 10.56 -21.40 -13.83
H 5SF G . 8.46 -19.86 -12.52
H2 5SF G . 9.49 -18.69 -11.74
H1 5SF G . 9.94 -20.38 -11.76
H12 5SF G . 13.24 -21.17 -19.80
#